data_5KZN
#
_entry.id   5KZN
#
_cell.length_a   129.850
_cell.length_b   129.850
_cell.length_c   252.483
_cell.angle_alpha   90.00
_cell.angle_beta   90.00
_cell.angle_gamma   120.00
#
_symmetry.space_group_name_H-M   'P 65 2 2'
#
loop_
_entity.id
_entity.type
_entity.pdbx_description
1 polymer 'Metabotropic glutamate receptor 2'
2 non-polymer 2-acetamido-2-deoxy-beta-D-glucopyranose
3 non-polymer 'MAGNESIUM ION'
4 water water
#
_entity_poly.entity_id   1
_entity_poly.type   'polypeptide(L)'
_entity_poly.pdbx_seq_one_letter_code
;MGSLLALLALLLLWGAVAEGPAKKVLTLEGDLVLGGLFPVHQKGGPAEDCGPVNEHRGIQRLEAMLFALDRINRDPHLLP
GVRLGAHILDSCSKDTHALEQALDFVRASLSRGADGSRHICPDGSYATHGDAPTAITGVIGGSYSDVSIQVANLLRLFQI
PQISYASTSAKLSDKSRYDYFARTVPPDFFQAKAMAEILRFFNWTYVSTVASEGDYGETGIEAFELEARARNICVATSEK
VGRAMSRAAFEGVVRALLQKPSARVAVLFTRSEDARELLAASQRLNASFTWVASDGWGALESVVAGSEGAAEGAITIELA
SYPISDFASYFQSLDPWNNSRNPWFREFWEQRFRCSFRQRDCAAHSLRAVPFEQESKIMFVVNAVYAMAHALHNMHRALC
PNTTRLCDAMRPVNGRRLYKDFVLNVKFDAPFRPADTHNEVRFDRFGDGIGRYNIFTYLRAGSGRYRYQKVGYWAEGLTL
DTSLIPWASPSAGPLPASRCSEPCLQNEVKSVQPGEVCCWLCIPCQPYEYRLDEFTCADCGLGYWPNASLTGCFELPQEY
IREGHHHHHH
;
_entity_poly.pdbx_strand_id   A
#
# COMPACT_ATOMS: atom_id res chain seq x y z
N LYS A 23 16.17 18.23 -19.29
CA LYS A 23 16.18 18.94 -20.59
C LYS A 23 14.82 18.93 -21.34
N LYS A 24 14.27 17.70 -21.66
CA LYS A 24 12.99 17.53 -22.38
C LYS A 24 11.81 17.63 -21.45
N VAL A 25 10.67 18.00 -22.02
CA VAL A 25 9.40 18.17 -21.33
C VAL A 25 8.31 17.69 -22.27
N LEU A 26 7.27 17.06 -21.72
CA LEU A 26 6.13 16.57 -22.50
C LEU A 26 4.98 17.53 -22.21
N THR A 27 4.46 18.18 -23.24
CA THR A 27 3.39 19.18 -23.15
C THR A 27 2.22 18.84 -24.03
N LEU A 28 1.04 19.12 -23.50
CA LEU A 28 -0.27 18.88 -24.08
C LEU A 28 -1.14 20.07 -23.71
N GLU A 29 -1.83 20.63 -24.69
CA GLU A 29 -2.67 21.78 -24.46
C GLU A 29 -4.04 21.37 -23.92
N GLY A 30 -4.58 22.23 -23.06
CA GLY A 30 -5.88 22.02 -22.46
C GLY A 30 -6.35 23.27 -21.77
N ASP A 31 -7.58 23.24 -21.30
CA ASP A 31 -8.21 24.35 -20.58
C ASP A 31 -7.61 24.41 -19.18
N LEU A 32 -7.31 23.22 -18.64
CA LEU A 32 -6.63 23.01 -17.36
C LEU A 32 -5.41 22.10 -17.65
N VAL A 33 -4.27 22.37 -17.04
CA VAL A 33 -3.04 21.58 -17.25
C VAL A 33 -2.58 20.90 -15.98
N LEU A 34 -2.38 19.57 -16.06
CA LEU A 34 -1.89 18.76 -14.94
C LEU A 34 -0.38 18.53 -15.10
N GLY A 35 0.39 18.87 -14.08
CA GLY A 35 1.81 18.54 -14.05
C GLY A 35 1.98 17.04 -13.80
N GLY A 36 3.15 16.51 -14.10
CA GLY A 36 3.41 15.09 -13.94
C GLY A 36 4.88 14.94 -13.69
N LEU A 37 5.26 13.96 -12.89
CA LEU A 37 6.67 13.73 -12.54
C LEU A 37 6.87 12.24 -12.47
N PHE A 38 7.76 11.71 -13.33
CA PHE A 38 8.03 10.28 -13.51
C PHE A 38 9.54 9.98 -13.55
N PRO A 39 10.02 8.80 -13.08
CA PRO A 39 11.46 8.52 -13.17
C PRO A 39 11.74 7.91 -14.51
N VAL A 40 11.70 8.72 -15.54
CA VAL A 40 11.92 8.25 -16.92
C VAL A 40 13.33 7.70 -17.05
N HIS A 41 14.30 8.29 -16.30
CA HIS A 41 15.68 7.84 -16.33
C HIS A 41 16.09 7.45 -14.97
N GLN A 42 17.06 6.56 -14.88
CA GLN A 42 17.69 6.16 -13.65
C GLN A 42 18.69 7.28 -13.19
N LYS A 43 19.19 7.21 -11.93
CA LYS A 43 20.15 8.18 -11.41
C LYS A 43 21.41 8.18 -12.29
N GLY A 44 21.88 9.37 -12.65
CA GLY A 44 23.03 9.59 -13.52
C GLY A 44 24.34 8.97 -13.08
N GLY A 45 24.74 9.26 -11.83
CA GLY A 45 25.94 8.73 -11.21
C GLY A 45 27.09 9.71 -11.12
N PRO A 46 28.03 9.71 -12.13
CA PRO A 46 29.20 10.60 -12.03
C PRO A 46 29.02 11.94 -12.75
N ALA A 47 29.58 12.08 -13.98
CA ALA A 47 29.54 13.28 -14.81
C ALA A 47 28.12 13.61 -15.30
N GLU A 48 27.31 12.56 -15.56
CA GLU A 48 25.93 12.70 -16.06
C GLU A 48 24.90 12.78 -14.93
N ASP A 49 23.84 13.61 -15.16
CA ASP A 49 22.70 13.83 -14.26
C ASP A 49 21.65 12.71 -14.39
N CYS A 50 21.51 12.13 -15.62
CA CYS A 50 20.52 11.08 -15.94
C CYS A 50 21.14 9.85 -16.63
N GLY A 51 20.88 8.70 -16.03
CA GLY A 51 21.36 7.39 -16.50
C GLY A 51 20.50 6.75 -17.56
N PRO A 52 20.40 5.38 -17.59
CA PRO A 52 19.57 4.76 -18.65
C PRO A 52 18.09 4.86 -18.36
N VAL A 53 17.24 4.55 -19.36
CA VAL A 53 15.78 4.63 -19.26
C VAL A 53 15.16 3.55 -18.35
N ASN A 54 14.12 3.93 -17.58
CA ASN A 54 13.33 3.01 -16.76
C ASN A 54 12.15 2.61 -17.61
N GLU A 55 12.23 1.47 -18.29
CA GLU A 55 11.17 1.03 -19.21
C GLU A 55 9.79 0.84 -18.57
N HIS A 56 9.74 0.35 -17.32
CA HIS A 56 8.54 0.05 -16.55
C HIS A 56 8.15 1.14 -15.59
N ARG A 57 9.05 1.54 -14.67
CA ARG A 57 8.78 2.59 -13.67
C ARG A 57 8.74 3.97 -14.31
N GLY A 58 9.34 4.14 -15.49
CA GLY A 58 9.36 5.40 -16.22
C GLY A 58 8.34 5.43 -17.33
N ILE A 59 8.71 4.90 -18.51
CA ILE A 59 7.90 4.91 -19.73
C ILE A 59 6.48 4.35 -19.54
N GLN A 60 6.34 3.14 -18.98
CA GLN A 60 4.99 2.55 -18.82
C GLN A 60 4.07 3.35 -17.90
N ARG A 61 4.60 3.90 -16.81
CA ARG A 61 3.82 4.72 -15.87
C ARG A 61 3.43 6.02 -16.53
N LEU A 62 4.36 6.64 -17.27
CA LEU A 62 4.18 7.91 -17.98
C LEU A 62 3.01 7.75 -18.90
N GLU A 63 3.03 6.65 -19.72
CA GLU A 63 2.03 6.30 -20.71
C GLU A 63 0.66 5.97 -20.08
N ALA A 64 0.59 5.49 -18.82
CA ALA A 64 -0.68 5.25 -18.11
C ALA A 64 -1.34 6.59 -17.76
N MET A 65 -0.57 7.68 -17.55
CA MET A 65 -1.15 9.02 -17.32
C MET A 65 -1.71 9.58 -18.63
N LEU A 66 -0.99 9.40 -19.77
CA LEU A 66 -1.43 9.83 -21.08
C LEU A 66 -2.62 9.01 -21.53
N PHE A 67 -2.66 7.71 -21.23
CA PHE A 67 -3.82 6.87 -21.50
C PHE A 67 -5.04 7.46 -20.74
N ALA A 68 -4.89 7.70 -19.40
CA ALA A 68 -5.92 8.29 -18.55
C ALA A 68 -6.39 9.66 -19.08
N LEU A 69 -5.45 10.58 -19.36
CA LEU A 69 -5.84 11.90 -19.87
C LEU A 69 -6.66 11.79 -21.16
N ASP A 70 -6.27 10.90 -22.07
CA ASP A 70 -7.00 10.63 -23.31
C ASP A 70 -8.44 10.21 -23.04
N ARG A 71 -8.65 9.25 -22.14
CA ARG A 71 -9.92 8.67 -21.72
C ARG A 71 -10.88 9.68 -21.10
N ILE A 72 -10.35 10.54 -20.19
CA ILE A 72 -11.11 11.60 -19.51
C ILE A 72 -11.55 12.59 -20.59
N ASN A 73 -10.65 12.96 -21.51
CA ASN A 73 -10.96 13.91 -22.57
C ASN A 73 -12.02 13.40 -23.59
N ARG A 74 -12.27 12.08 -23.64
CA ARG A 74 -13.30 11.47 -24.48
C ARG A 74 -14.58 11.17 -23.70
N ASP A 75 -14.54 11.33 -22.38
CA ASP A 75 -15.67 11.07 -21.48
C ASP A 75 -16.71 12.19 -21.56
N PRO A 76 -17.99 11.84 -21.89
CA PRO A 76 -19.03 12.89 -21.97
C PRO A 76 -19.54 13.37 -20.62
N HIS A 77 -19.32 12.59 -19.54
CA HIS A 77 -19.80 12.89 -18.18
C HIS A 77 -18.78 13.57 -17.29
N LEU A 78 -17.54 13.09 -17.29
CA LEU A 78 -16.47 13.68 -16.50
C LEU A 78 -15.82 14.80 -17.34
N LEU A 79 -15.85 16.02 -16.78
CA LEU A 79 -15.35 17.27 -17.40
C LEU A 79 -15.84 17.34 -18.86
N PRO A 80 -17.19 17.43 -19.07
CA PRO A 80 -17.74 17.44 -20.44
C PRO A 80 -17.24 18.55 -21.36
N GLY A 81 -17.00 19.73 -20.80
CA GLY A 81 -16.56 20.90 -21.56
C GLY A 81 -15.18 21.40 -21.20
N VAL A 82 -14.49 20.75 -20.24
CA VAL A 82 -13.12 21.12 -19.82
C VAL A 82 -12.10 20.05 -20.25
N ARG A 83 -11.14 20.47 -21.07
CA ARG A 83 -10.07 19.66 -21.63
C ARG A 83 -8.88 19.71 -20.71
N LEU A 84 -8.30 18.54 -20.41
CA LEU A 84 -7.12 18.37 -19.57
C LEU A 84 -5.90 18.23 -20.46
N GLY A 85 -4.91 19.06 -20.16
CA GLY A 85 -3.62 19.11 -20.82
C GLY A 85 -2.60 18.56 -19.86
N ALA A 86 -1.32 18.58 -20.25
CA ALA A 86 -0.26 18.04 -19.41
C ALA A 86 1.04 18.79 -19.53
N HIS A 87 1.81 18.83 -18.46
CA HIS A 87 3.16 19.37 -18.42
C HIS A 87 3.97 18.34 -17.62
N ILE A 88 4.43 17.29 -18.29
CA ILE A 88 5.11 16.17 -17.68
C ILE A 88 6.61 16.28 -17.80
N LEU A 89 7.29 16.12 -16.66
CA LEU A 89 8.74 16.19 -16.51
C LEU A 89 9.34 14.88 -15.97
N ASP A 90 10.62 14.69 -16.24
CA ASP A 90 11.42 13.57 -15.82
C ASP A 90 12.22 13.93 -14.54
N SER A 91 12.09 13.10 -13.49
CA SER A 91 12.76 13.30 -12.18
C SER A 91 14.19 12.82 -12.17
N CYS A 92 14.53 11.88 -13.06
CA CYS A 92 15.83 11.22 -13.20
C CYS A 92 16.21 10.50 -11.98
N SER A 93 15.18 10.11 -11.24
CA SER A 93 15.20 9.38 -9.99
C SER A 93 15.91 10.17 -8.84
N LYS A 94 16.49 11.36 -9.12
CA LYS A 94 17.18 12.21 -8.13
C LYS A 94 16.29 13.33 -7.61
N ASP A 95 16.13 13.41 -6.28
CA ASP A 95 15.33 14.44 -5.59
C ASP A 95 15.73 15.90 -5.95
N THR A 96 17.06 16.15 -6.12
CA THR A 96 17.58 17.48 -6.47
C THR A 96 17.20 17.80 -7.90
N HIS A 97 17.22 16.80 -8.79
CA HIS A 97 16.87 17.01 -10.18
C HIS A 97 15.37 17.31 -10.33
N ALA A 98 14.56 16.60 -9.56
CA ALA A 98 13.12 16.75 -9.51
C ALA A 98 12.72 18.13 -9.01
N LEU A 99 13.48 18.75 -8.09
CA LEU A 99 13.23 20.11 -7.58
C LEU A 99 13.42 21.16 -8.66
N GLU A 100 14.57 21.15 -9.36
CA GLU A 100 14.87 22.10 -10.43
C GLU A 100 13.78 22.05 -11.53
N GLN A 101 13.31 20.84 -11.86
CA GLN A 101 12.26 20.61 -12.84
C GLN A 101 10.91 21.13 -12.29
N ALA A 102 10.60 20.80 -11.03
CA ALA A 102 9.37 21.21 -10.36
C ALA A 102 9.16 22.73 -10.32
N LEU A 103 10.22 23.54 -10.42
CA LEU A 103 10.06 25.00 -10.50
C LEU A 103 9.19 25.42 -11.72
N ASP A 104 9.12 24.60 -12.80
CA ASP A 104 8.25 24.84 -13.97
C ASP A 104 6.77 24.90 -13.54
N PHE A 105 6.41 24.13 -12.50
CA PHE A 105 5.06 24.09 -11.94
C PHE A 105 4.75 25.31 -11.13
N VAL A 106 5.76 25.87 -10.42
CA VAL A 106 5.57 27.02 -9.52
C VAL A 106 5.67 28.38 -10.24
N ARG A 107 6.47 28.52 -11.32
CA ARG A 107 6.53 29.79 -12.07
C ARG A 107 5.23 29.94 -12.90
N ALA A 108 4.67 28.76 -13.34
CA ALA A 108 3.43 28.57 -14.09
C ALA A 108 2.24 29.05 -13.24
N SER A 109 2.09 28.54 -11.98
CA SER A 109 1.06 29.00 -11.03
C SER A 109 1.25 30.52 -10.59
N LEU A 110 2.38 31.18 -11.03
CA LEU A 110 2.81 32.57 -10.77
C LEU A 110 3.14 32.83 -9.29
N PRO A 133 4.30 31.38 -17.31
CA PRO A 133 3.77 30.73 -18.51
C PRO A 133 2.32 30.23 -18.32
N THR A 134 2.06 28.95 -18.66
CA THR A 134 0.76 28.28 -18.56
C THR A 134 0.61 27.67 -17.15
N ALA A 135 -0.40 28.12 -16.38
CA ALA A 135 -0.65 27.64 -15.02
C ALA A 135 -0.91 26.11 -14.94
N ILE A 136 -0.33 25.48 -13.90
CA ILE A 136 -0.42 24.06 -13.58
C ILE A 136 -1.42 23.99 -12.44
N THR A 137 -2.49 23.19 -12.61
CA THR A 137 -3.58 23.03 -11.66
C THR A 137 -3.22 22.04 -10.50
N GLY A 138 -2.65 20.89 -10.84
CA GLY A 138 -2.22 19.90 -9.87
C GLY A 138 -1.02 19.17 -10.39
N VAL A 139 -0.37 18.37 -9.58
CA VAL A 139 0.76 17.61 -10.06
C VAL A 139 0.53 16.16 -9.75
N ILE A 140 0.54 15.34 -10.77
CA ILE A 140 0.35 13.92 -10.58
C ILE A 140 1.74 13.39 -10.59
N GLY A 141 2.24 13.05 -9.42
CA GLY A 141 3.58 12.55 -9.38
C GLY A 141 4.36 12.43 -8.12
N GLY A 142 5.48 11.79 -8.34
CA GLY A 142 6.42 11.44 -7.34
C GLY A 142 6.36 9.95 -7.38
N SER A 143 7.47 9.34 -7.73
CA SER A 143 7.56 7.91 -7.74
C SER A 143 8.24 7.60 -6.44
N TYR A 144 9.54 7.83 -6.43
CA TYR A 144 10.32 7.62 -5.24
C TYR A 144 9.85 8.57 -4.18
N SER A 145 9.88 8.14 -2.94
CA SER A 145 9.43 8.93 -1.79
C SER A 145 10.37 10.07 -1.52
N ASP A 146 11.64 9.94 -1.90
CA ASP A 146 12.62 11.03 -1.72
C ASP A 146 12.26 12.19 -2.65
N VAL A 147 11.84 11.88 -3.89
CA VAL A 147 11.50 12.93 -4.82
C VAL A 147 10.14 13.53 -4.41
N SER A 148 9.12 12.75 -4.01
CA SER A 148 7.85 13.33 -3.54
C SER A 148 8.00 14.22 -2.29
N ILE A 149 8.95 13.90 -1.38
CA ILE A 149 9.18 14.64 -0.14
C ILE A 149 9.66 16.02 -0.49
N GLN A 150 10.68 16.11 -1.36
CA GLN A 150 11.25 17.37 -1.81
C GLN A 150 10.30 18.18 -2.67
N VAL A 151 9.51 17.52 -3.51
CA VAL A 151 8.55 18.21 -4.37
C VAL A 151 7.38 18.73 -3.51
N ALA A 152 6.94 17.97 -2.48
CA ALA A 152 5.83 18.38 -1.60
C ALA A 152 6.18 19.59 -0.76
N ASN A 153 7.48 19.76 -0.52
CA ASN A 153 8.08 20.83 0.27
C ASN A 153 8.09 22.12 -0.55
N LEU A 154 8.13 22.02 -1.87
CA LEU A 154 8.12 23.18 -2.75
C LEU A 154 6.68 23.54 -3.07
N LEU A 155 5.86 22.55 -3.47
CA LEU A 155 4.48 22.75 -3.88
C LEU A 155 3.55 23.29 -2.81
N ARG A 156 3.76 22.93 -1.52
CA ARG A 156 2.94 23.42 -0.41
C ARG A 156 2.99 24.95 -0.37
N LEU A 157 4.19 25.51 -0.60
CA LEU A 157 4.53 26.93 -0.57
C LEU A 157 3.71 27.74 -1.54
N PHE A 158 3.41 27.16 -2.72
CA PHE A 158 2.65 27.80 -3.80
C PHE A 158 1.24 27.22 -3.96
N GLN A 159 0.85 26.36 -2.99
CA GLN A 159 -0.45 25.71 -2.87
C GLN A 159 -0.87 24.92 -4.11
N ILE A 160 0.01 24.03 -4.64
CA ILE A 160 -0.29 23.22 -5.80
C ILE A 160 -0.61 21.78 -5.26
N PRO A 161 -1.89 21.29 -5.36
CA PRO A 161 -2.18 19.92 -4.89
C PRO A 161 -1.33 18.92 -5.66
N GLN A 162 -0.93 17.83 -5.00
CA GLN A 162 -0.09 16.82 -5.62
C GLN A 162 -0.60 15.47 -5.17
N ILE A 163 -0.77 14.51 -6.13
CA ILE A 163 -1.21 13.14 -5.85
C ILE A 163 -0.15 12.14 -6.36
N SER A 164 0.56 11.44 -5.44
CA SER A 164 1.52 10.41 -5.87
C SER A 164 0.85 9.04 -6.03
N TYR A 165 1.39 8.24 -6.95
CA TYR A 165 0.96 6.92 -7.38
C TYR A 165 1.93 5.80 -6.92
N ALA A 166 3.06 6.14 -6.31
CA ALA A 166 4.04 5.12 -5.97
C ALA A 166 4.84 5.41 -4.72
N SER A 167 4.67 6.59 -4.09
CA SER A 167 5.42 7.04 -2.92
C SER A 167 4.70 6.58 -1.65
N THR A 168 5.31 5.60 -0.96
CA THR A 168 4.69 4.93 0.18
C THR A 168 5.24 5.28 1.56
N SER A 169 6.33 6.10 1.67
CA SER A 169 6.90 6.52 2.94
C SER A 169 5.84 7.07 3.87
N ALA A 170 5.94 6.74 5.15
CA ALA A 170 5.00 7.16 6.17
C ALA A 170 5.24 8.64 6.48
N LYS A 171 6.45 9.13 6.15
CA LYS A 171 6.87 10.52 6.39
C LYS A 171 5.91 11.46 5.69
N LEU A 172 5.43 11.07 4.48
CA LEU A 172 4.53 11.85 3.64
C LEU A 172 3.13 12.03 4.21
N SER A 173 2.81 11.34 5.33
CA SER A 173 1.52 11.45 6.01
C SER A 173 1.51 12.60 7.00
N ASP A 174 2.69 13.21 7.29
CA ASP A 174 2.86 14.32 8.22
C ASP A 174 2.38 15.59 7.55
N LYS A 175 1.13 15.95 7.83
CA LYS A 175 0.49 17.12 7.25
C LYS A 175 1.00 18.47 7.80
N SER A 176 1.96 18.45 8.74
CA SER A 176 2.58 19.65 9.28
C SER A 176 3.81 19.99 8.41
N ARG A 177 4.11 19.14 7.42
CA ARG A 177 5.25 19.29 6.52
C ARG A 177 4.84 19.23 5.05
N TYR A 178 3.96 18.25 4.71
CA TYR A 178 3.49 17.92 3.37
C TYR A 178 1.96 18.08 3.30
N ASP A 179 1.46 19.26 3.65
CA ASP A 179 0.04 19.56 3.72
C ASP A 179 -0.73 19.64 2.36
N TYR A 180 -0.04 19.48 1.19
CA TYR A 180 -0.69 19.52 -0.15
C TYR A 180 -0.54 18.20 -0.90
N PHE A 181 0.03 17.22 -0.21
CA PHE A 181 0.32 15.89 -0.71
C PHE A 181 -0.81 14.93 -0.33
N ALA A 182 -1.21 14.16 -1.31
CA ALA A 182 -2.20 13.10 -1.24
C ALA A 182 -1.64 11.97 -2.11
N ARG A 183 -2.21 10.76 -2.04
CA ARG A 183 -1.72 9.61 -2.82
C ARG A 183 -2.74 8.56 -3.05
N THR A 184 -2.65 7.89 -4.19
CA THR A 184 -3.56 6.80 -4.55
C THR A 184 -3.04 5.47 -4.04
N VAL A 185 -1.69 5.34 -3.87
CA VAL A 185 -1.02 4.16 -3.31
C VAL A 185 -1.15 4.31 -1.78
N PRO A 186 -1.44 3.27 -0.97
CA PRO A 186 -1.54 3.50 0.48
C PRO A 186 -0.15 3.59 1.13
N PRO A 187 -0.03 4.33 2.26
CA PRO A 187 1.26 4.31 2.99
C PRO A 187 1.60 2.90 3.49
N ASP A 188 2.89 2.57 3.52
CA ASP A 188 3.38 1.24 3.88
C ASP A 188 2.71 0.66 5.18
N PHE A 189 2.35 1.53 6.15
CA PHE A 189 1.78 1.18 7.44
C PHE A 189 0.27 0.92 7.43
N PHE A 190 -0.39 1.04 6.26
CA PHE A 190 -1.85 0.81 6.26
C PHE A 190 -2.20 -0.67 6.40
N GLN A 191 -1.29 -1.57 5.97
CA GLN A 191 -1.45 -3.02 6.01
C GLN A 191 -1.59 -3.58 7.42
N ALA A 192 -1.21 -2.77 8.43
CA ALA A 192 -1.31 -3.06 9.86
C ALA A 192 -2.78 -3.33 10.27
N LYS A 193 -3.76 -2.73 9.55
CA LYS A 193 -5.21 -2.91 9.77
C LYS A 193 -5.64 -4.29 9.27
N ALA A 194 -5.13 -4.69 8.09
CA ALA A 194 -5.40 -6.02 7.54
C ALA A 194 -4.76 -7.08 8.42
N MET A 195 -3.56 -6.78 8.98
CA MET A 195 -2.78 -7.68 9.83
C MET A 195 -3.49 -7.91 11.17
N ALA A 196 -3.88 -6.81 11.87
CA ALA A 196 -4.63 -6.84 13.12
C ALA A 196 -5.98 -7.56 12.90
N GLU A 197 -6.57 -7.45 11.69
CA GLU A 197 -7.83 -8.11 11.36
C GLU A 197 -7.64 -9.62 11.21
N ILE A 198 -6.56 -10.09 10.53
CA ILE A 198 -6.22 -11.52 10.37
C ILE A 198 -6.12 -12.18 11.75
N LEU A 199 -5.49 -11.50 12.72
CA LEU A 199 -5.37 -12.02 14.09
C LEU A 199 -6.74 -12.21 14.73
N ARG A 200 -7.60 -11.15 14.70
CA ARG A 200 -8.96 -11.12 15.24
C ARG A 200 -9.84 -12.26 14.72
N PHE A 201 -9.68 -12.61 13.43
CA PHE A 201 -10.41 -13.70 12.82
C PHE A 201 -10.11 -15.03 13.50
N PHE A 202 -8.82 -15.33 13.74
CA PHE A 202 -8.36 -16.54 14.39
C PHE A 202 -8.32 -16.42 15.91
N ASN A 203 -8.87 -15.32 16.45
CA ASN A 203 -8.93 -15.02 17.88
C ASN A 203 -7.53 -15.09 18.60
N TRP A 204 -6.43 -14.73 17.86
CA TRP A 204 -5.06 -14.65 18.37
C TRP A 204 -4.94 -13.32 19.09
N THR A 205 -5.34 -13.28 20.36
CA THR A 205 -5.38 -12.05 21.19
C THR A 205 -4.11 -11.71 21.99
N TYR A 206 -3.04 -12.52 21.88
CA TYR A 206 -1.76 -12.33 22.61
C TYR A 206 -0.63 -12.79 21.66
N VAL A 207 0.05 -11.80 21.05
CA VAL A 207 1.05 -12.02 19.99
C VAL A 207 2.35 -11.35 20.31
N SER A 208 3.39 -11.64 19.51
CA SER A 208 4.67 -10.96 19.70
C SER A 208 4.93 -10.21 18.43
N THR A 209 5.72 -9.17 18.49
CA THR A 209 6.04 -8.39 17.32
C THR A 209 7.54 -8.33 17.09
N VAL A 210 7.94 -8.32 15.82
CA VAL A 210 9.30 -8.14 15.33
C VAL A 210 9.19 -7.08 14.24
N ALA A 211 9.90 -5.97 14.41
CA ALA A 211 9.88 -4.87 13.44
C ALA A 211 11.30 -4.50 13.04
N SER A 212 11.51 -4.18 11.76
CA SER A 212 12.78 -3.72 11.23
C SER A 212 13.08 -2.28 11.72
N GLU A 213 14.36 -1.98 11.94
CA GLU A 213 14.89 -0.66 12.27
C GLU A 213 14.72 0.15 10.97
N GLY A 214 14.19 1.35 11.11
CA GLY A 214 13.90 2.19 9.95
C GLY A 214 12.47 2.66 9.97
N ASP A 215 12.09 3.53 9.01
CA ASP A 215 10.73 4.06 9.00
C ASP A 215 9.68 2.98 8.71
N TYR A 216 10.00 2.00 7.82
CA TYR A 216 9.07 0.92 7.42
C TYR A 216 8.61 0.10 8.62
N GLY A 217 9.58 -0.51 9.30
CA GLY A 217 9.32 -1.32 10.47
C GLY A 217 8.72 -0.57 11.62
N GLU A 218 9.36 0.54 12.02
CA GLU A 218 8.94 1.35 13.17
C GLU A 218 7.50 1.89 13.11
N THR A 219 7.14 2.58 12.01
CA THR A 219 5.80 3.16 11.84
C THR A 219 4.74 2.09 11.57
N GLY A 220 5.14 1.00 10.93
CA GLY A 220 4.24 -0.10 10.65
C GLY A 220 3.82 -0.80 11.94
N ILE A 221 4.78 -1.09 12.84
CA ILE A 221 4.49 -1.77 14.10
C ILE A 221 3.78 -0.83 15.07
N GLU A 222 4.03 0.49 14.99
CA GLU A 222 3.35 1.51 15.76
C GLU A 222 1.87 1.48 15.31
N ALA A 223 1.62 1.41 13.97
CA ALA A 223 0.27 1.30 13.41
C ALA A 223 -0.41 0.00 13.81
N PHE A 224 0.37 -1.12 13.90
CA PHE A 224 -0.17 -2.41 14.32
C PHE A 224 -0.61 -2.38 15.80
N GLU A 225 0.23 -1.82 16.72
CA GLU A 225 -0.08 -1.68 18.14
C GLU A 225 -1.49 -1.08 18.33
N LEU A 226 -1.73 0.08 17.71
CA LEU A 226 -2.99 0.84 17.72
C LEU A 226 -4.21 0.08 17.18
N GLU A 227 -4.06 -0.60 16.02
CA GLU A 227 -5.11 -1.40 15.39
C GLU A 227 -5.45 -2.63 16.20
N ALA A 228 -4.41 -3.23 16.85
CA ALA A 228 -4.50 -4.41 17.73
C ALA A 228 -5.24 -4.02 18.99
N ARG A 229 -4.82 -2.94 19.67
CA ARG A 229 -5.45 -2.38 20.88
C ARG A 229 -6.97 -2.31 20.67
N ALA A 230 -7.39 -1.68 19.55
CA ALA A 230 -8.78 -1.49 19.10
C ALA A 230 -9.56 -2.81 18.95
N ARG A 231 -8.89 -3.89 18.51
CA ARG A 231 -9.49 -5.23 18.34
C ARG A 231 -9.32 -6.16 19.58
N ASN A 232 -8.89 -5.57 20.73
CA ASN A 232 -8.66 -6.26 22.01
C ASN A 232 -7.59 -7.40 21.87
N ILE A 233 -6.40 -7.00 21.34
CA ILE A 233 -5.20 -7.83 21.08
C ILE A 233 -4.03 -7.24 21.86
N CYS A 234 -3.28 -8.11 22.57
CA CYS A 234 -2.13 -7.71 23.39
C CYS A 234 -0.81 -8.16 22.83
N VAL A 235 0.23 -7.36 23.06
CA VAL A 235 1.58 -7.67 22.62
C VAL A 235 2.40 -8.15 23.81
N ALA A 236 2.79 -9.45 23.80
CA ALA A 236 3.63 -10.13 24.80
C ALA A 236 5.03 -9.51 24.81
N THR A 237 5.71 -9.49 23.64
CA THR A 237 7.02 -8.87 23.51
C THR A 237 7.16 -8.19 22.17
N SER A 238 7.98 -7.15 22.12
CA SER A 238 8.26 -6.39 20.92
C SER A 238 9.74 -6.29 20.70
N GLU A 239 10.23 -7.00 19.69
CA GLU A 239 11.63 -7.04 19.32
C GLU A 239 11.89 -6.22 18.06
N LYS A 240 13.17 -5.79 17.90
CA LYS A 240 13.69 -4.99 16.78
C LYS A 240 14.78 -5.72 16.01
N VAL A 241 14.77 -5.58 14.69
CA VAL A 241 15.75 -6.19 13.78
C VAL A 241 16.41 -5.13 12.85
N GLY A 242 17.67 -5.32 12.52
CA GLY A 242 18.43 -4.44 11.65
C GLY A 242 19.31 -5.21 10.68
N ARG A 243 19.75 -4.57 9.57
CA ARG A 243 20.62 -5.25 8.60
C ARG A 243 22.04 -5.38 9.17
N ALA A 244 22.44 -4.42 10.05
CA ALA A 244 23.72 -4.38 10.75
C ALA A 244 23.90 -5.54 11.74
N MET A 245 22.79 -6.15 12.17
CA MET A 245 22.66 -7.25 13.11
C MET A 245 23.32 -8.55 12.64
N SER A 246 24.06 -9.20 13.56
CA SER A 246 24.77 -10.46 13.31
C SER A 246 23.82 -11.67 13.16
N ARG A 247 24.39 -12.87 12.90
CA ARG A 247 23.62 -14.12 12.79
C ARG A 247 23.30 -14.53 14.24
N ALA A 248 24.19 -14.15 15.16
CA ALA A 248 24.07 -14.41 16.60
C ALA A 248 22.96 -13.58 17.23
N ALA A 249 22.75 -12.35 16.73
CA ALA A 249 21.76 -11.42 17.25
C ALA A 249 20.32 -11.71 16.79
N PHE A 250 20.17 -12.38 15.64
CA PHE A 250 18.87 -12.81 15.11
C PHE A 250 18.37 -14.01 15.92
N GLU A 251 19.30 -14.76 16.53
CA GLU A 251 19.01 -15.88 17.41
C GLU A 251 18.53 -15.34 18.78
N GLY A 252 19.04 -14.17 19.17
CA GLY A 252 18.65 -13.48 20.39
C GLY A 252 17.21 -13.01 20.35
N VAL A 253 16.76 -12.64 19.16
CA VAL A 253 15.39 -12.24 18.91
C VAL A 253 14.50 -13.49 19.03
N VAL A 254 14.97 -14.65 18.53
CA VAL A 254 14.19 -15.88 18.59
C VAL A 254 14.05 -16.35 20.04
N ARG A 255 15.12 -16.19 20.84
CA ARG A 255 15.13 -16.59 22.25
C ARG A 255 14.24 -15.71 23.12
N ALA A 256 14.04 -14.45 22.68
CA ALA A 256 13.21 -13.43 23.32
C ALA A 256 11.77 -13.81 23.07
N LEU A 257 11.44 -14.14 21.80
CA LEU A 257 10.11 -14.59 21.39
C LEU A 257 9.73 -15.87 22.15
N LEU A 258 10.70 -16.83 22.33
CA LEU A 258 10.50 -18.09 23.05
C LEU A 258 10.27 -17.91 24.56
N GLN A 259 10.63 -16.73 25.13
CA GLN A 259 10.39 -16.44 26.54
C GLN A 259 8.90 -16.30 26.87
N LYS A 260 8.04 -16.08 25.86
CA LYS A 260 6.59 -15.93 25.95
C LYS A 260 5.93 -17.11 25.21
N PRO A 261 5.79 -18.26 25.91
CA PRO A 261 5.30 -19.49 25.24
C PRO A 261 3.85 -19.50 24.79
N SER A 262 3.01 -18.70 25.47
CA SER A 262 1.58 -18.58 25.22
C SER A 262 1.33 -17.76 23.96
N ALA A 263 2.28 -16.86 23.59
CA ALA A 263 2.27 -16.04 22.38
C ALA A 263 3.03 -16.78 21.29
N ARG A 264 2.31 -17.68 20.60
CA ARG A 264 2.82 -18.55 19.52
C ARG A 264 2.83 -17.84 18.19
N VAL A 265 2.08 -16.74 18.07
CA VAL A 265 2.01 -15.93 16.85
C VAL A 265 3.01 -14.79 16.94
N ALA A 266 3.91 -14.71 15.93
CA ALA A 266 4.88 -13.63 15.78
C ALA A 266 4.46 -12.81 14.56
N VAL A 267 4.15 -11.54 14.78
CA VAL A 267 3.73 -10.55 13.78
C VAL A 267 4.96 -9.79 13.29
N LEU A 268 5.31 -9.97 12.01
CA LEU A 268 6.47 -9.29 11.46
C LEU A 268 6.11 -8.10 10.58
N PHE A 269 6.71 -6.96 10.84
CA PHE A 269 6.62 -5.76 10.01
C PHE A 269 8.08 -5.45 9.66
N THR A 270 8.70 -6.38 8.93
CA THR A 270 10.11 -6.38 8.59
C THR A 270 10.40 -6.43 7.08
N ARG A 271 11.58 -5.89 6.72
CA ARG A 271 12.18 -5.91 5.39
C ARG A 271 12.58 -7.35 5.08
N SER A 272 12.71 -7.67 3.78
CA SER A 272 13.03 -8.99 3.25
C SER A 272 14.27 -9.66 3.88
N GLU A 273 15.40 -8.90 3.96
CA GLU A 273 16.70 -9.35 4.49
C GLU A 273 16.59 -9.75 5.97
N ASP A 274 15.79 -8.97 6.73
CA ASP A 274 15.48 -9.17 8.14
C ASP A 274 14.60 -10.43 8.30
N ALA A 275 13.44 -10.50 7.58
CA ALA A 275 12.54 -11.67 7.59
C ALA A 275 13.26 -12.99 7.23
N ARG A 276 14.19 -12.95 6.24
CA ARG A 276 14.98 -14.09 5.77
C ARG A 276 15.92 -14.60 6.87
N GLU A 277 16.72 -13.69 7.46
CA GLU A 277 17.68 -13.99 8.53
C GLU A 277 17.01 -14.42 9.86
N LEU A 278 15.74 -13.98 10.09
CA LEU A 278 14.94 -14.33 11.25
C LEU A 278 14.47 -15.76 11.13
N LEU A 279 13.95 -16.17 9.96
CA LEU A 279 13.49 -17.55 9.69
C LEU A 279 14.66 -18.55 9.76
N ALA A 280 15.87 -18.09 9.35
CA ALA A 280 17.14 -18.84 9.36
C ALA A 280 17.54 -19.16 10.78
N ALA A 281 17.36 -18.19 11.70
CA ALA A 281 17.65 -18.34 13.13
C ALA A 281 16.57 -19.23 13.79
N SER A 282 15.28 -19.01 13.44
CA SER A 282 14.13 -19.77 13.91
C SER A 282 14.30 -21.25 13.52
N GLN A 283 14.82 -21.48 12.29
CA GLN A 283 15.16 -22.76 11.67
C GLN A 283 16.23 -23.45 12.50
N ARG A 284 17.40 -22.79 12.69
CA ARG A 284 18.54 -23.30 13.46
C ARG A 284 18.13 -23.70 14.88
N LEU A 285 17.27 -22.90 15.55
CA LEU A 285 16.85 -23.18 16.94
C LEU A 285 15.62 -24.13 17.07
N ASN A 286 15.09 -24.69 15.97
CA ASN A 286 13.90 -25.59 15.94
C ASN A 286 12.67 -24.91 16.58
N ALA A 287 12.59 -23.57 16.41
CA ALA A 287 11.54 -22.73 16.98
C ALA A 287 10.38 -22.58 16.01
N SER A 288 9.20 -22.99 16.47
CA SER A 288 8.00 -22.93 15.65
C SER A 288 7.03 -21.83 16.05
N PHE A 289 6.93 -20.80 15.16
CA PHE A 289 6.03 -19.67 15.34
C PHE A 289 5.03 -19.64 14.24
N THR A 290 3.88 -19.01 14.49
CA THR A 290 2.85 -18.81 13.48
C THR A 290 3.08 -17.37 13.02
N TRP A 291 3.76 -17.22 11.87
CA TRP A 291 4.09 -15.92 11.28
C TRP A 291 2.90 -15.26 10.63
N VAL A 292 2.79 -13.95 10.82
CA VAL A 292 1.79 -13.07 10.20
C VAL A 292 2.68 -11.92 9.78
N ALA A 293 3.03 -11.83 8.49
CA ALA A 293 4.00 -10.84 8.01
C ALA A 293 3.50 -9.87 6.95
N SER A 294 4.06 -8.64 6.97
CA SER A 294 3.81 -7.53 6.05
C SER A 294 4.34 -7.85 4.63
N ASP A 295 4.16 -6.89 3.68
CA ASP A 295 4.61 -6.99 2.28
C ASP A 295 6.15 -7.08 2.12
N GLY A 296 6.91 -6.90 3.22
CA GLY A 296 8.37 -7.02 3.21
C GLY A 296 8.76 -8.46 2.97
N TRP A 297 7.91 -9.38 3.46
CA TRP A 297 8.05 -10.81 3.26
C TRP A 297 7.14 -11.11 2.06
N GLY A 298 5.86 -10.76 2.18
CA GLY A 298 4.85 -10.95 1.15
C GLY A 298 4.88 -12.35 0.58
N ALA A 299 4.84 -12.49 -0.75
CA ALA A 299 4.87 -13.80 -1.38
C ALA A 299 6.27 -14.15 -1.98
N LEU A 300 7.34 -13.46 -1.54
CA LEU A 300 8.72 -13.66 -2.01
C LEU A 300 9.28 -15.03 -1.65
N GLU A 301 9.89 -15.71 -2.64
CA GLU A 301 10.47 -17.04 -2.44
C GLU A 301 11.86 -16.94 -1.80
N SER A 302 12.56 -15.83 -2.08
CA SER A 302 13.90 -15.45 -1.60
C SER A 302 13.98 -15.34 -0.07
N VAL A 303 12.86 -14.91 0.56
CA VAL A 303 12.69 -14.76 2.02
C VAL A 303 12.72 -16.17 2.68
N VAL A 304 12.26 -17.20 1.94
CA VAL A 304 12.22 -18.58 2.43
C VAL A 304 13.37 -19.47 1.82
N ALA A 305 14.56 -18.86 1.64
CA ALA A 305 15.72 -19.57 1.08
C ALA A 305 16.36 -20.51 2.11
N GLY A 306 16.00 -21.79 2.06
CA GLY A 306 16.53 -22.82 2.97
C GLY A 306 16.01 -22.82 4.39
N SER A 307 14.87 -22.14 4.63
CA SER A 307 14.20 -22.02 5.92
C SER A 307 12.71 -22.36 5.74
N GLU A 308 12.43 -23.42 4.93
CA GLU A 308 11.08 -23.83 4.56
C GLU A 308 10.23 -24.39 5.71
N GLY A 309 10.88 -25.11 6.63
CA GLY A 309 10.23 -25.70 7.79
C GLY A 309 9.73 -24.68 8.81
N ALA A 310 10.54 -23.62 9.02
CA ALA A 310 10.24 -22.53 9.95
C ALA A 310 9.11 -21.67 9.39
N ALA A 311 9.15 -21.39 8.06
CA ALA A 311 8.17 -20.57 7.35
C ALA A 311 6.85 -21.27 7.15
N GLU A 312 6.86 -22.61 7.08
CA GLU A 312 5.65 -23.39 6.87
C GLU A 312 4.59 -23.00 7.88
N GLY A 313 3.42 -22.61 7.37
CA GLY A 313 2.27 -22.19 8.15
C GLY A 313 2.02 -20.69 8.16
N ALA A 314 2.98 -19.89 7.67
CA ALA A 314 2.94 -18.42 7.64
C ALA A 314 1.71 -17.83 6.97
N ILE A 315 1.36 -16.60 7.32
CA ILE A 315 0.30 -15.82 6.68
C ILE A 315 1.01 -14.51 6.35
N THR A 316 1.08 -14.19 5.06
CA THR A 316 1.72 -12.97 4.60
C THR A 316 0.74 -12.19 3.73
N ILE A 317 0.99 -10.90 3.55
CA ILE A 317 0.17 -10.03 2.72
C ILE A 317 1.03 -9.25 1.73
N GLU A 318 0.43 -8.86 0.61
CA GLU A 318 1.02 -8.09 -0.49
C GLU A 318 -0.04 -7.13 -0.95
N LEU A 319 0.39 -5.93 -1.40
CA LEU A 319 -0.52 -4.94 -1.99
C LEU A 319 -1.00 -5.51 -3.33
N ALA A 320 -2.31 -5.44 -3.56
CA ALA A 320 -2.94 -5.89 -4.81
C ALA A 320 -3.27 -4.75 -5.77
N SER A 321 -3.24 -5.09 -7.08
CA SER A 321 -3.58 -4.29 -8.25
C SER A 321 -4.16 -5.26 -9.30
N TYR A 322 -5.15 -4.81 -10.05
CA TYR A 322 -5.71 -5.65 -11.07
C TYR A 322 -5.22 -5.06 -12.36
N PRO A 323 -5.31 -5.88 -13.47
CA PRO A 323 -4.81 -5.29 -14.70
C PRO A 323 -5.88 -4.52 -15.42
N ILE A 324 -5.48 -3.74 -16.40
CA ILE A 324 -6.40 -2.95 -17.19
C ILE A 324 -6.15 -3.31 -18.65
N SER A 325 -7.10 -3.99 -19.26
CA SER A 325 -6.93 -4.45 -20.63
C SER A 325 -6.77 -3.32 -21.61
N ASP A 326 -7.59 -2.29 -21.47
CA ASP A 326 -7.51 -1.18 -22.37
C ASP A 326 -6.12 -0.58 -22.40
N PHE A 327 -5.44 -0.57 -21.27
CA PHE A 327 -4.08 -0.06 -21.21
C PHE A 327 -3.09 -0.95 -21.99
N ALA A 328 -3.22 -2.28 -21.87
CA ALA A 328 -2.41 -3.28 -22.57
C ALA A 328 -2.47 -3.06 -24.09
N SER A 329 -3.67 -2.83 -24.63
CA SER A 329 -3.91 -2.55 -26.05
C SER A 329 -3.24 -1.24 -26.46
N TYR A 330 -3.46 -0.14 -25.68
CA TYR A 330 -2.89 1.21 -25.92
C TYR A 330 -1.36 1.14 -26.00
N PHE A 331 -0.71 0.68 -24.92
CA PHE A 331 0.74 0.57 -24.83
C PHE A 331 1.40 -0.25 -25.91
N GLN A 332 0.92 -1.51 -26.12
CA GLN A 332 1.45 -2.46 -27.10
C GLN A 332 1.40 -1.99 -28.56
N SER A 333 0.56 -0.99 -28.86
CA SER A 333 0.40 -0.42 -30.20
C SER A 333 1.17 0.93 -30.37
N LEU A 334 2.06 1.26 -29.42
CA LEU A 334 2.86 2.48 -29.47
C LEU A 334 4.15 2.21 -30.26
N ASP A 335 4.57 3.18 -31.07
CA ASP A 335 5.81 3.07 -31.83
C ASP A 335 6.48 4.44 -31.95
N PRO A 336 7.80 4.53 -32.22
CA PRO A 336 8.46 5.85 -32.26
C PRO A 336 7.85 6.86 -33.22
N TRP A 337 7.37 6.39 -34.38
CA TRP A 337 6.76 7.19 -35.46
C TRP A 337 5.35 7.65 -35.19
N ASN A 338 4.56 6.88 -34.43
CA ASN A 338 3.20 7.27 -34.09
C ASN A 338 3.12 7.93 -32.70
N ASN A 339 4.10 7.66 -31.82
CA ASN A 339 4.11 8.27 -30.49
C ASN A 339 5.11 9.42 -30.40
N SER A 340 4.82 10.48 -31.13
CA SER A 340 5.67 11.66 -31.17
C SER A 340 5.52 12.54 -29.92
N ARG A 341 4.31 12.56 -29.28
CA ARG A 341 4.04 13.40 -28.10
C ARG A 341 4.94 13.08 -26.92
N ASN A 342 5.45 11.82 -26.79
CA ASN A 342 6.37 11.42 -25.72
C ASN A 342 7.82 11.64 -26.23
N PRO A 343 8.54 12.69 -25.72
CA PRO A 343 9.90 12.96 -26.21
C PRO A 343 10.98 11.92 -25.89
N TRP A 344 10.67 11.02 -24.98
CA TRP A 344 11.55 9.99 -24.46
C TRP A 344 11.30 8.65 -25.09
N PHE A 345 10.35 8.53 -26.04
CA PHE A 345 10.05 7.23 -26.65
C PHE A 345 11.13 6.69 -27.60
N ARG A 346 11.84 7.54 -28.37
CA ARG A 346 12.91 7.12 -29.29
C ARG A 346 14.06 6.48 -28.51
N GLU A 347 14.47 7.09 -27.37
CA GLU A 347 15.52 6.60 -26.48
C GLU A 347 15.08 5.32 -25.81
N PHE A 348 13.77 5.22 -25.48
CA PHE A 348 13.19 4.04 -24.88
C PHE A 348 13.28 2.87 -25.87
N TRP A 349 12.85 3.11 -27.13
CA TRP A 349 12.84 2.13 -28.20
C TRP A 349 14.26 1.55 -28.45
N GLU A 350 15.23 2.40 -28.85
CA GLU A 350 16.64 2.05 -29.06
C GLU A 350 17.25 1.24 -27.92
N GLN A 351 16.82 1.49 -26.67
CA GLN A 351 17.32 0.79 -25.49
C GLN A 351 16.68 -0.63 -25.35
N ARG A 352 15.33 -0.67 -25.28
CA ARG A 352 14.47 -1.85 -25.15
C ARG A 352 14.77 -2.90 -26.20
N PHE A 353 14.95 -2.46 -27.46
CA PHE A 353 15.19 -3.30 -28.62
C PHE A 353 16.65 -3.41 -29.04
N ARG A 354 17.54 -2.64 -28.40
CA ARG A 354 18.98 -2.60 -28.72
C ARG A 354 19.22 -2.22 -30.21
N CYS A 355 18.32 -1.38 -30.77
CA CYS A 355 18.42 -0.90 -32.15
C CYS A 355 18.99 0.52 -32.18
N SER A 356 18.99 1.15 -33.39
CA SER A 356 19.46 2.50 -33.62
C SER A 356 18.78 3.05 -34.86
N PHE A 357 18.16 4.22 -34.76
CA PHE A 357 17.46 4.83 -35.88
C PHE A 357 18.41 5.20 -37.04
N ARG A 358 19.72 5.34 -36.72
CA ARG A 358 20.79 5.62 -37.68
C ARG A 358 21.09 4.34 -38.46
N GLN A 359 21.17 3.22 -37.75
CA GLN A 359 21.43 1.92 -38.36
C GLN A 359 20.19 1.31 -39.03
N ARG A 360 19.04 2.06 -39.03
CA ARG A 360 17.73 1.71 -39.64
C ARG A 360 17.20 0.29 -39.28
N ASP A 361 17.64 -0.27 -38.12
CA ASP A 361 17.20 -1.58 -37.64
C ASP A 361 16.17 -1.44 -36.50
N CYS A 362 15.43 -0.31 -36.48
CA CYS A 362 14.44 -0.06 -35.43
C CYS A 362 13.03 -0.50 -35.80
N ALA A 363 12.53 -0.05 -36.97
CA ALA A 363 11.18 -0.31 -37.49
C ALA A 363 10.74 -1.79 -37.53
N ALA A 364 11.68 -2.73 -37.33
CA ALA A 364 11.40 -4.17 -37.39
C ALA A 364 10.88 -4.75 -36.07
N HIS A 365 10.97 -3.98 -34.98
CA HIS A 365 10.56 -4.36 -33.63
C HIS A 365 9.14 -3.89 -33.28
N SER A 366 8.51 -4.54 -32.27
CA SER A 366 7.15 -4.22 -31.84
C SER A 366 6.94 -4.51 -30.37
N LEU A 367 5.96 -3.83 -29.75
CA LEU A 367 5.63 -4.08 -28.35
C LEU A 367 4.55 -5.19 -28.25
N ARG A 368 3.85 -5.48 -29.41
CA ARG A 368 2.85 -6.55 -29.54
C ARG A 368 3.60 -7.87 -29.48
N ALA A 369 4.82 -7.86 -30.08
CA ALA A 369 5.77 -8.96 -30.14
C ALA A 369 5.84 -9.74 -28.83
N VAL A 370 6.41 -9.16 -27.75
CA VAL A 370 6.46 -9.86 -26.44
C VAL A 370 5.11 -9.75 -25.71
N PRO A 371 4.72 -10.69 -24.80
CA PRO A 371 3.43 -10.52 -24.09
C PRO A 371 3.54 -9.43 -23.03
N PHE A 372 2.59 -8.48 -23.00
CA PHE A 372 2.56 -7.34 -22.09
C PHE A 372 2.49 -7.71 -20.63
N GLU A 373 3.44 -7.16 -19.86
CA GLU A 373 3.51 -7.33 -18.42
C GLU A 373 3.36 -5.91 -17.84
N GLN A 374 2.17 -5.67 -17.24
CA GLN A 374 1.75 -4.42 -16.65
C GLN A 374 2.44 -4.22 -15.32
N GLU A 375 3.11 -3.06 -15.16
CA GLU A 375 3.83 -2.67 -13.95
C GLU A 375 2.87 -2.58 -12.72
N SER A 376 3.39 -2.86 -11.52
CA SER A 376 2.67 -2.87 -10.22
C SER A 376 1.73 -1.65 -9.95
N LYS A 377 2.25 -0.44 -10.20
CA LYS A 377 1.61 0.84 -9.86
C LYS A 377 0.74 1.50 -10.94
N ILE A 378 0.56 0.85 -12.11
CA ILE A 378 -0.22 1.41 -13.23
C ILE A 378 -1.61 1.82 -12.79
N MET A 379 -2.28 0.96 -12.04
CA MET A 379 -3.63 1.16 -11.53
C MET A 379 -3.73 2.46 -10.69
N PHE A 380 -2.67 2.76 -9.90
CA PHE A 380 -2.60 3.92 -9.04
C PHE A 380 -2.31 5.19 -9.82
N VAL A 381 -1.58 5.10 -10.97
CA VAL A 381 -1.28 6.23 -11.89
C VAL A 381 -2.63 6.64 -12.48
N VAL A 382 -3.35 5.69 -13.09
CA VAL A 382 -4.67 5.86 -13.69
C VAL A 382 -5.63 6.48 -12.65
N ASN A 383 -5.59 6.01 -11.40
CA ASN A 383 -6.44 6.52 -10.31
C ASN A 383 -6.07 7.92 -9.84
N ALA A 384 -4.77 8.25 -9.86
CA ALA A 384 -4.25 9.54 -9.43
C ALA A 384 -4.75 10.61 -10.36
N VAL A 385 -4.70 10.36 -11.70
CA VAL A 385 -5.17 11.28 -12.73
C VAL A 385 -6.70 11.46 -12.57
N TYR A 386 -7.46 10.34 -12.50
CA TYR A 386 -8.90 10.35 -12.31
C TYR A 386 -9.39 11.06 -11.02
N ALA A 387 -8.62 10.95 -9.92
CA ALA A 387 -8.88 11.61 -8.64
C ALA A 387 -8.78 13.14 -8.84
N MET A 388 -7.74 13.59 -9.57
CA MET A 388 -7.54 15.00 -9.90
C MET A 388 -8.67 15.46 -10.79
N ALA A 389 -9.09 14.65 -11.77
CA ALA A 389 -10.18 14.99 -12.69
C ALA A 389 -11.55 15.02 -12.01
N HIS A 390 -11.77 14.16 -11.00
CA HIS A 390 -13.05 14.16 -10.29
C HIS A 390 -13.14 15.37 -9.36
N ALA A 391 -12.03 15.68 -8.67
CA ALA A 391 -11.85 16.81 -7.77
C ALA A 391 -12.16 18.11 -8.48
N LEU A 392 -11.64 18.27 -9.71
CA LEU A 392 -11.85 19.43 -10.57
C LEU A 392 -13.29 19.48 -11.08
N HIS A 393 -13.87 18.31 -11.44
CA HIS A 393 -15.26 18.20 -11.92
C HIS A 393 -16.24 18.65 -10.81
N ASN A 394 -16.00 18.17 -9.57
CA ASN A 394 -16.80 18.55 -8.40
C ASN A 394 -16.69 20.03 -8.05
N MET A 395 -15.52 20.63 -8.28
CA MET A 395 -15.26 22.03 -8.04
C MET A 395 -16.00 22.85 -9.10
N HIS A 396 -15.95 22.41 -10.37
CA HIS A 396 -16.63 23.06 -11.48
C HIS A 396 -18.16 22.94 -11.32
N ARG A 397 -18.65 21.93 -10.60
CA ARG A 397 -20.09 21.84 -10.42
C ARG A 397 -20.52 22.91 -9.40
N ALA A 398 -19.70 23.11 -8.34
CA ALA A 398 -19.89 24.10 -7.29
C ALA A 398 -19.72 25.55 -7.79
N LEU A 399 -18.53 25.91 -8.30
CA LEU A 399 -18.23 27.27 -8.74
C LEU A 399 -18.71 27.63 -10.14
N CYS A 400 -19.13 26.65 -10.95
CA CYS A 400 -19.56 26.91 -12.33
C CYS A 400 -20.88 26.18 -12.70
N PRO A 401 -22.02 26.48 -12.01
CA PRO A 401 -23.23 25.70 -12.30
C PRO A 401 -24.04 26.17 -13.50
N ASN A 402 -23.55 27.19 -14.23
CA ASN A 402 -24.26 27.70 -15.39
C ASN A 402 -23.80 27.08 -16.73
N THR A 403 -22.61 26.40 -16.76
CA THR A 403 -22.06 25.80 -17.98
C THR A 403 -21.29 24.50 -17.78
N THR A 404 -20.74 24.02 -18.91
CA THR A 404 -19.82 22.89 -19.07
C THR A 404 -18.42 23.49 -19.32
N ARG A 405 -18.36 24.76 -19.83
CA ARG A 405 -17.11 25.49 -20.10
C ARG A 405 -16.54 26.10 -18.79
N LEU A 406 -15.24 26.38 -18.77
CA LEU A 406 -14.51 26.94 -17.62
C LEU A 406 -14.83 28.45 -17.42
N CYS A 407 -15.08 28.87 -16.15
CA CYS A 407 -15.41 30.28 -15.80
C CYS A 407 -14.26 30.99 -15.15
N ASP A 408 -14.46 32.30 -14.84
CA ASP A 408 -13.46 33.09 -14.14
C ASP A 408 -13.40 32.71 -12.64
N ALA A 409 -14.37 31.89 -12.18
CA ALA A 409 -14.41 31.34 -10.84
C ALA A 409 -13.30 30.26 -10.71
N MET A 410 -12.87 29.70 -11.86
CA MET A 410 -11.82 28.69 -11.97
C MET A 410 -10.62 29.20 -12.83
N ARG A 411 -10.56 30.54 -13.07
CA ARG A 411 -9.48 31.23 -13.80
C ARG A 411 -8.80 32.27 -12.86
N PRO A 412 -7.84 31.86 -11.99
CA PRO A 412 -7.25 30.52 -11.85
C PRO A 412 -7.99 29.65 -10.83
N VAL A 413 -7.51 28.40 -10.67
CA VAL A 413 -8.07 27.46 -9.72
C VAL A 413 -7.44 27.69 -8.35
N ASN A 414 -8.27 27.82 -7.31
CA ASN A 414 -7.76 27.97 -5.95
C ASN A 414 -7.24 26.60 -5.48
N GLY A 415 -5.93 26.53 -5.25
CA GLY A 415 -5.25 25.32 -4.80
C GLY A 415 -5.70 24.81 -3.46
N ARG A 416 -5.84 25.70 -2.46
CA ARG A 416 -6.26 25.37 -1.09
C ARG A 416 -7.67 24.77 -1.08
N ARG A 417 -8.60 25.40 -1.81
CA ARG A 417 -9.99 24.94 -1.91
C ARG A 417 -10.04 23.59 -2.63
N LEU A 418 -9.24 23.44 -3.72
CA LEU A 418 -9.13 22.20 -4.51
C LEU A 418 -8.69 21.06 -3.65
N TYR A 419 -7.60 21.23 -2.90
CA TYR A 419 -7.08 20.18 -2.04
C TYR A 419 -8.01 19.83 -0.88
N LYS A 420 -8.32 20.80 0.01
CA LYS A 420 -9.13 20.54 1.22
C LYS A 420 -10.59 20.20 0.94
N ASP A 421 -11.26 20.94 0.03
CA ASP A 421 -12.69 20.73 -0.22
C ASP A 421 -13.06 19.65 -1.24
N PHE A 422 -12.23 19.46 -2.29
CA PHE A 422 -12.57 18.54 -3.38
C PHE A 422 -11.67 17.28 -3.45
N VAL A 423 -10.33 17.40 -3.58
CA VAL A 423 -9.39 16.26 -3.65
C VAL A 423 -9.64 15.29 -2.47
N LEU A 424 -9.58 15.78 -1.21
CA LEU A 424 -9.81 14.96 -0.01
C LEU A 424 -11.19 14.24 0.05
N ASN A 425 -12.23 14.89 -0.50
CA ASN A 425 -13.63 14.43 -0.50
C ASN A 425 -14.10 13.71 -1.79
N VAL A 426 -13.16 13.03 -2.49
CA VAL A 426 -13.53 12.27 -3.70
C VAL A 426 -13.84 10.83 -3.32
N LYS A 427 -14.89 10.30 -3.91
CA LYS A 427 -15.34 8.91 -3.79
C LYS A 427 -15.97 8.59 -5.13
N PHE A 428 -15.26 7.77 -5.90
CA PHE A 428 -15.72 7.34 -7.20
C PHE A 428 -15.29 5.91 -7.44
N ASP A 429 -16.10 5.18 -8.22
CA ASP A 429 -15.80 3.81 -8.60
C ASP A 429 -14.56 3.87 -9.49
N ALA A 430 -13.52 3.09 -9.14
CA ALA A 430 -12.24 3.03 -9.85
C ALA A 430 -12.42 2.85 -11.35
N PRO A 431 -11.69 3.60 -12.21
CA PRO A 431 -11.84 3.39 -13.66
C PRO A 431 -11.15 2.07 -14.05
N PHE A 432 -11.75 1.34 -15.02
CA PHE A 432 -11.24 0.10 -15.59
C PHE A 432 -11.09 -1.06 -14.59
N ARG A 433 -11.87 -1.03 -13.49
CA ARG A 433 -11.88 -2.10 -12.49
C ARG A 433 -12.55 -3.36 -13.09
N PRO A 434 -12.19 -4.60 -12.63
CA PRO A 434 -12.85 -5.80 -13.17
C PRO A 434 -14.37 -5.82 -12.94
N ALA A 435 -15.09 -6.55 -13.81
CA ALA A 435 -16.55 -6.67 -13.78
C ALA A 435 -17.16 -7.04 -12.41
N ASP A 436 -16.63 -8.08 -11.75
CA ASP A 436 -17.15 -8.54 -10.45
C ASP A 436 -16.76 -7.65 -9.24
N THR A 437 -15.84 -6.66 -9.41
CA THR A 437 -15.38 -5.80 -8.29
C THR A 437 -16.24 -4.54 -8.08
N HIS A 438 -16.13 -3.99 -6.84
CA HIS A 438 -16.77 -2.80 -6.29
C HIS A 438 -15.70 -1.85 -5.70
N ASN A 439 -14.50 -1.80 -6.35
CA ASN A 439 -13.32 -0.98 -6.02
C ASN A 439 -13.69 0.51 -6.01
N GLU A 440 -13.16 1.28 -5.05
CA GLU A 440 -13.47 2.70 -4.89
C GLU A 440 -12.24 3.57 -4.57
N VAL A 441 -12.16 4.75 -5.24
CA VAL A 441 -11.05 5.66 -5.06
C VAL A 441 -11.48 6.74 -4.07
N ARG A 442 -10.75 6.80 -2.94
CA ARG A 442 -10.98 7.76 -1.85
C ARG A 442 -9.69 7.90 -1.05
N PHE A 443 -9.60 8.97 -0.23
CA PHE A 443 -8.45 9.26 0.64
C PHE A 443 -8.92 9.46 2.08
N ASP A 444 -8.02 9.30 3.10
CA ASP A 444 -8.34 9.65 4.49
C ASP A 444 -8.12 11.16 4.69
N ARG A 445 -8.24 11.69 5.92
CA ARG A 445 -8.04 13.13 6.20
C ARG A 445 -6.63 13.65 5.84
N PHE A 446 -5.64 12.74 5.81
CA PHE A 446 -4.24 13.04 5.49
C PHE A 446 -3.88 12.79 4.01
N GLY A 447 -4.90 12.63 3.18
CA GLY A 447 -4.72 12.33 1.76
C GLY A 447 -4.10 10.98 1.51
N ASP A 448 -4.24 10.00 2.43
CA ASP A 448 -3.67 8.66 2.25
C ASP A 448 -4.69 7.74 1.60
N GLY A 449 -4.24 7.01 0.57
CA GLY A 449 -5.07 6.12 -0.21
C GLY A 449 -5.51 4.86 0.51
N ILE A 450 -6.78 4.49 0.30
CA ILE A 450 -7.41 3.29 0.85
C ILE A 450 -7.00 2.14 -0.10
N GLY A 451 -6.39 1.09 0.45
CA GLY A 451 -5.89 -0.04 -0.33
C GLY A 451 -6.55 -1.40 -0.20
N ARG A 452 -6.05 -2.37 -1.00
CA ARG A 452 -6.48 -3.76 -1.06
C ARG A 452 -5.27 -4.69 -1.11
N TYR A 453 -5.26 -5.69 -0.22
CA TYR A 453 -4.14 -6.61 -0.10
C TYR A 453 -4.63 -8.04 -0.30
N ASN A 454 -3.76 -8.90 -0.81
CA ASN A 454 -4.03 -10.33 -0.97
C ASN A 454 -3.38 -11.01 0.22
N ILE A 455 -4.01 -12.07 0.74
CA ILE A 455 -3.49 -12.79 1.88
C ILE A 455 -2.99 -14.14 1.36
N PHE A 456 -1.73 -14.48 1.61
CA PHE A 456 -1.13 -15.76 1.20
C PHE A 456 -0.82 -16.65 2.41
N THR A 457 -0.52 -17.94 2.16
CA THR A 457 -0.10 -18.90 3.18
C THR A 457 0.99 -19.81 2.63
N TYR A 458 2.02 -20.04 3.41
CA TYR A 458 3.08 -20.93 2.98
C TYR A 458 2.71 -22.35 3.49
N LEU A 459 2.74 -23.33 2.54
CA LEU A 459 2.37 -24.72 2.77
C LEU A 459 3.31 -25.76 2.17
N ARG A 460 3.27 -26.99 2.74
CA ARG A 460 4.02 -28.16 2.27
C ARG A 460 3.24 -28.77 1.09
N ALA A 461 3.88 -28.84 -0.10
CA ALA A 461 3.30 -29.36 -1.36
C ALA A 461 3.54 -30.88 -1.62
N GLY A 462 3.53 -31.30 -2.90
CA GLY A 462 3.69 -32.68 -3.35
C GLY A 462 5.00 -33.34 -2.98
N GLY A 464 6.39 -32.65 0.17
CA GLY A 464 7.58 -32.44 -0.64
C GLY A 464 8.04 -31.01 -0.79
N ARG A 465 7.71 -30.37 -1.94
CA ARG A 465 8.05 -28.99 -2.30
C ARG A 465 7.33 -27.94 -1.42
N TYR A 466 7.62 -26.61 -1.60
CA TYR A 466 7.03 -25.53 -0.81
C TYR A 466 6.61 -24.33 -1.66
N ARG A 467 5.33 -23.93 -1.58
CA ARG A 467 4.78 -22.82 -2.37
C ARG A 467 3.81 -21.89 -1.59
N TYR A 468 3.51 -20.70 -2.17
CA TYR A 468 2.56 -19.72 -1.61
C TYR A 468 1.19 -19.92 -2.25
N GLN A 469 0.12 -19.85 -1.46
CA GLN A 469 -1.23 -19.99 -2.01
C GLN A 469 -2.13 -18.86 -1.53
N LYS A 470 -2.75 -18.09 -2.47
CA LYS A 470 -3.68 -17.00 -2.15
C LYS A 470 -4.80 -17.60 -1.33
N VAL A 471 -5.12 -16.98 -0.22
CA VAL A 471 -6.08 -17.54 0.72
C VAL A 471 -7.28 -16.62 0.97
N GLY A 472 -7.12 -15.35 0.65
CA GLY A 472 -8.15 -14.35 0.82
C GLY A 472 -7.68 -12.99 0.35
N TYR A 473 -8.31 -11.95 0.91
CA TYR A 473 -8.04 -10.57 0.57
C TYR A 473 -8.59 -9.61 1.62
N TRP A 474 -8.09 -8.38 1.58
CA TRP A 474 -8.55 -7.32 2.45
C TRP A 474 -8.99 -6.13 1.61
N ALA A 475 -10.29 -6.10 1.25
CA ALA A 475 -10.99 -5.02 0.55
C ALA A 475 -11.43 -4.12 1.69
N GLU A 476 -12.63 -3.52 1.70
CA GLU A 476 -12.93 -2.74 2.91
C GLU A 476 -13.56 -3.63 3.97
N GLY A 477 -12.72 -4.57 4.44
CA GLY A 477 -13.04 -5.63 5.39
C GLY A 477 -12.32 -6.92 5.04
N LEU A 478 -12.27 -7.85 6.02
CA LEU A 478 -11.58 -9.13 5.87
C LEU A 478 -12.46 -10.24 5.29
N THR A 479 -11.93 -10.96 4.27
CA THR A 479 -12.59 -12.09 3.62
C THR A 479 -11.51 -13.10 3.16
N LEU A 480 -11.59 -14.35 3.68
CA LEU A 480 -10.67 -15.46 3.35
C LEU A 480 -11.32 -16.84 3.56
N ASP A 481 -10.98 -17.82 2.67
CA ASP A 481 -11.46 -19.22 2.66
C ASP A 481 -10.56 -20.16 3.48
N THR A 482 -10.97 -20.43 4.75
CA THR A 482 -10.24 -21.28 5.69
C THR A 482 -9.82 -22.62 5.12
N SER A 483 -10.62 -23.17 4.18
CA SER A 483 -10.41 -24.43 3.46
C SER A 483 -9.12 -24.46 2.63
N LEU A 484 -8.52 -23.27 2.41
CA LEU A 484 -7.30 -23.11 1.62
C LEU A 484 -6.02 -23.11 2.49
N ILE A 485 -6.14 -22.99 3.84
CA ILE A 485 -5.02 -23.05 4.81
C ILE A 485 -4.89 -24.46 5.41
N PRO A 486 -3.81 -25.23 5.10
CA PRO A 486 -3.64 -26.58 5.70
C PRO A 486 -3.82 -26.71 7.21
N TRP A 487 -3.49 -25.68 8.02
CA TRP A 487 -3.67 -25.78 9.48
C TRP A 487 -5.10 -25.41 9.95
N ALA A 488 -6.07 -25.40 9.00
CA ALA A 488 -7.49 -25.18 9.27
C ALA A 488 -8.38 -26.10 8.41
N SER A 489 -8.00 -26.24 7.11
CA SER A 489 -8.65 -27.01 6.03
C SER A 489 -9.11 -28.45 6.34
N PRO A 490 -8.38 -29.36 7.04
CA PRO A 490 -8.88 -30.74 7.18
C PRO A 490 -9.65 -30.99 8.47
N SER A 491 -9.90 -29.92 9.26
CA SER A 491 -10.52 -29.93 10.59
C SER A 491 -9.53 -30.57 11.61
N ALA A 492 -8.58 -31.40 11.08
CA ALA A 492 -7.51 -32.11 11.79
C ALA A 492 -6.65 -31.12 12.61
N GLY A 493 -6.74 -31.29 13.93
CA GLY A 493 -6.05 -30.46 14.92
C GLY A 493 -6.84 -29.21 15.30
N PRO A 494 -6.67 -28.68 16.53
CA PRO A 494 -7.37 -27.43 16.89
C PRO A 494 -6.70 -26.21 16.27
N LEU A 495 -7.33 -25.03 16.36
CA LEU A 495 -6.74 -23.81 15.79
C LEU A 495 -5.47 -23.40 16.54
N PRO A 496 -4.41 -22.91 15.85
CA PRO A 496 -3.20 -22.44 16.56
C PRO A 496 -3.59 -21.42 17.63
N ALA A 497 -3.18 -21.68 18.88
CA ALA A 497 -3.55 -20.80 19.99
C ALA A 497 -2.55 -19.66 20.19
N SER A 498 -3.08 -18.49 20.60
CA SER A 498 -2.29 -17.34 20.97
C SER A 498 -3.11 -16.44 21.86
N ARG A 499 -3.54 -16.98 23.01
CA ARG A 499 -4.32 -16.30 24.04
C ARG A 499 -3.41 -16.11 25.22
N CYS A 500 -3.70 -15.11 26.05
CA CYS A 500 -2.92 -14.96 27.26
C CYS A 500 -3.44 -15.93 28.33
N SER A 501 -4.77 -16.16 28.36
CA SER A 501 -5.43 -17.00 29.34
C SER A 501 -6.42 -17.98 28.73
N GLU A 502 -6.46 -19.23 29.23
CA GLU A 502 -7.39 -20.27 28.78
C GLU A 502 -8.82 -19.92 29.26
N PRO A 503 -9.89 -20.31 28.53
CA PRO A 503 -11.25 -19.93 28.96
C PRO A 503 -11.68 -20.54 30.29
N CYS A 504 -12.50 -19.79 31.04
CA CYS A 504 -12.98 -20.27 32.34
C CYS A 504 -14.07 -21.30 32.17
N LEU A 505 -14.17 -22.21 33.16
CA LEU A 505 -15.20 -23.25 33.22
C LEU A 505 -16.59 -22.58 33.46
N GLN A 506 -17.69 -23.36 33.43
CA GLN A 506 -19.06 -22.87 33.66
C GLN A 506 -19.24 -22.33 35.10
N ASN A 507 -18.50 -22.90 36.09
CA ASN A 507 -18.53 -22.52 37.50
C ASN A 507 -17.61 -21.33 37.86
N GLU A 508 -17.00 -20.62 36.87
CA GLU A 508 -16.08 -19.54 37.25
C GLU A 508 -16.32 -18.20 36.58
N VAL A 509 -16.03 -17.13 37.35
CA VAL A 509 -16.11 -15.73 36.95
C VAL A 509 -14.71 -15.28 36.50
N LYS A 510 -14.64 -14.29 35.61
CA LYS A 510 -13.38 -13.72 35.11
C LYS A 510 -12.87 -12.62 36.04
N SER A 511 -11.54 -12.51 36.14
CA SER A 511 -10.93 -11.47 36.96
C SER A 511 -9.88 -10.75 36.15
N VAL A 512 -10.17 -9.50 35.81
CA VAL A 512 -9.30 -8.63 35.02
C VAL A 512 -8.84 -7.41 35.82
N GLN A 513 -7.68 -6.84 35.43
CA GLN A 513 -7.16 -5.63 36.07
C GLN A 513 -7.92 -4.47 35.41
N PRO A 514 -8.46 -3.49 36.19
CA PRO A 514 -9.19 -2.35 35.57
C PRO A 514 -8.49 -1.78 34.33
N GLY A 515 -9.10 -2.02 33.17
CA GLY A 515 -8.53 -1.60 31.89
C GLY A 515 -8.06 -2.78 31.07
N GLU A 516 -6.97 -3.45 31.52
CA GLU A 516 -6.35 -4.64 30.89
C GLU A 516 -7.40 -5.75 30.70
N VAL A 517 -7.53 -6.33 29.47
CA VAL A 517 -8.57 -7.33 29.21
C VAL A 517 -8.12 -8.65 28.49
N CYS A 518 -6.84 -8.76 28.04
CA CYS A 518 -6.37 -10.01 27.39
C CYS A 518 -6.11 -11.10 28.43
N CYS A 519 -5.46 -10.71 29.55
CA CYS A 519 -5.09 -11.61 30.66
C CYS A 519 -6.11 -11.58 31.74
N TRP A 520 -6.51 -12.77 32.22
CA TRP A 520 -7.48 -12.89 33.29
C TRP A 520 -7.21 -14.05 34.25
N LEU A 521 -7.90 -14.04 35.40
CA LEU A 521 -7.87 -15.10 36.41
C LEU A 521 -9.25 -15.72 36.47
N CYS A 522 -9.33 -17.03 36.67
CA CYS A 522 -10.62 -17.69 36.78
C CYS A 522 -10.91 -17.89 38.23
N ILE A 523 -11.97 -17.23 38.71
CA ILE A 523 -12.35 -17.28 40.12
C ILE A 523 -13.60 -18.14 40.26
N PRO A 524 -13.50 -19.29 40.95
CA PRO A 524 -14.67 -20.16 41.06
C PRO A 524 -15.70 -19.68 42.08
N CYS A 525 -16.96 -19.51 41.62
CA CYS A 525 -18.09 -19.12 42.46
C CYS A 525 -18.22 -20.17 43.57
N GLN A 526 -18.58 -19.74 44.78
CA GLN A 526 -18.77 -20.67 45.90
C GLN A 526 -19.90 -21.68 45.56
N PRO A 527 -19.90 -22.92 46.15
CA PRO A 527 -20.95 -23.91 45.80
C PRO A 527 -22.39 -23.36 45.71
N TYR A 528 -22.76 -22.44 46.65
CA TYR A 528 -24.06 -21.76 46.78
C TYR A 528 -24.29 -20.59 45.78
N GLU A 529 -23.26 -20.24 44.97
CA GLU A 529 -23.29 -19.08 44.09
C GLU A 529 -23.65 -19.36 42.62
N TYR A 530 -24.47 -18.45 42.07
CA TYR A 530 -24.93 -18.43 40.69
C TYR A 530 -24.20 -17.31 39.98
N ARG A 531 -24.00 -17.42 38.66
CA ARG A 531 -23.32 -16.37 37.91
C ARG A 531 -24.31 -15.38 37.34
N LEU A 532 -24.20 -14.09 37.74
CA LEU A 532 -25.04 -13.02 37.19
C LEU A 532 -24.53 -12.75 35.77
N ASP A 533 -23.20 -12.63 35.63
CA ASP A 533 -22.54 -12.43 34.34
C ASP A 533 -21.11 -13.03 34.34
N GLU A 534 -20.35 -12.78 33.26
CA GLU A 534 -19.00 -13.26 33.02
C GLU A 534 -17.98 -12.88 34.11
N PHE A 535 -18.26 -11.83 34.89
CA PHE A 535 -17.39 -11.29 35.94
C PHE A 535 -17.96 -11.33 37.36
N THR A 536 -19.27 -11.65 37.53
CA THR A 536 -19.90 -11.59 38.85
C THR A 536 -20.61 -12.87 39.30
N CYS A 537 -20.42 -13.25 40.58
CA CYS A 537 -21.12 -14.35 41.24
C CYS A 537 -22.24 -13.67 42.08
N ALA A 538 -23.22 -14.44 42.62
CA ALA A 538 -24.32 -13.92 43.44
C ALA A 538 -24.97 -15.01 44.29
N ASP A 539 -24.91 -14.82 45.62
CA ASP A 539 -25.48 -15.72 46.63
C ASP A 539 -27.00 -15.77 46.49
N CYS A 540 -27.58 -16.96 46.69
CA CYS A 540 -29.01 -17.18 46.59
C CYS A 540 -29.68 -17.51 47.94
N GLY A 541 -28.95 -17.17 49.01
CA GLY A 541 -29.33 -17.32 50.41
C GLY A 541 -29.72 -18.73 50.80
N LEU A 542 -31.03 -19.01 50.72
CA LEU A 542 -31.64 -20.30 51.04
C LEU A 542 -32.90 -20.45 50.19
N GLY A 543 -33.26 -21.69 49.88
CA GLY A 543 -34.43 -22.02 49.07
C GLY A 543 -34.34 -21.63 47.62
N TYR A 544 -33.11 -21.44 47.11
CA TYR A 544 -32.84 -21.07 45.72
C TYR A 544 -31.49 -21.64 45.27
N TRP A 545 -31.47 -22.30 44.08
CA TRP A 545 -30.28 -22.92 43.48
C TRP A 545 -30.30 -22.80 41.94
N PRO A 546 -29.12 -22.71 41.27
CA PRO A 546 -29.12 -22.53 39.80
C PRO A 546 -28.97 -23.80 38.95
N ASN A 547 -29.37 -23.72 37.65
CA ASN A 547 -29.27 -24.79 36.65
C ASN A 547 -27.78 -25.11 36.37
N ALA A 548 -27.23 -26.07 37.17
CA ALA A 548 -25.83 -26.53 37.15
C ALA A 548 -25.35 -26.99 35.78
#